data_4QKF
#
_entry.id   4QKF
#
_cell.length_a   66.364
_cell.length_b   81.958
_cell.length_c   66.082
_cell.angle_alpha   90.00
_cell.angle_beta   119.94
_cell.angle_gamma   90.00
#
_symmetry.space_group_name_H-M   'P 1 21 1'
#
loop_
_entity.id
_entity.type
_entity.pdbx_description
1 polymer 'Alpha-ketoglutarate-dependent dioxygenase alkB homolog 7, mitochondrial'
2 non-polymer 'MANGANESE (II) ION'
3 non-polymer N-OXALYLGLYCINE
4 water water
#
_entity_poly.entity_id   1
_entity_poly.type   'polypeptide(L)'
_entity_poly.pdbx_seq_one_letter_code
;MWVRGSGPSVLSRLQDAAVVRPGFLSTAEEETLSRELEPELRRRRYEYDHWDAAIHGFRETEKSRWSEASRAILRRVQAA
AFGPGQTLLSSVHVLDLEARGYIKPHVDSIKFCGATIAGLSLLSPSVMRLVHTQEPGEWLELLLEPGSLYILRGSARYDF
SHEILRDEESFFGERRIPRGRRISVICRSLPEGMGPGESG
;
_entity_poly.pdbx_strand_id   A,B,C
#
# COMPACT_ATOMS: atom_id res chain seq x y z
N MET A 1 -4.23 -3.44 -36.34
CA MET A 1 -4.91 -4.73 -35.97
C MET A 1 -4.83 -5.07 -34.48
N TRP A 2 -3.69 -4.77 -33.86
CA TRP A 2 -3.46 -4.99 -32.43
C TRP A 2 -3.01 -3.72 -31.69
N VAL A 3 -2.45 -2.75 -32.40
CA VAL A 3 -2.05 -1.50 -31.78
C VAL A 3 -2.79 -0.33 -32.46
N ARG A 4 -3.28 0.58 -31.62
CA ARG A 4 -3.88 1.83 -32.06
C ARG A 4 -3.23 2.97 -31.29
N GLY A 5 -3.26 4.16 -31.89
CA GLY A 5 -2.49 5.30 -31.40
C GLY A 5 -3.21 6.61 -31.58
N SER A 6 -2.84 7.60 -30.75
CA SER A 6 -3.38 8.95 -30.86
C SER A 6 -2.93 9.68 -32.13
N GLY A 7 -1.76 9.31 -32.62
CA GLY A 7 -1.17 9.93 -33.81
C GLY A 7 -0.02 9.11 -34.36
N PRO A 8 0.48 9.46 -35.56
CA PRO A 8 1.60 8.74 -36.19
C PRO A 8 2.93 8.84 -35.44
N SER A 9 3.13 9.95 -34.72
CA SER A 9 4.36 10.15 -33.94
C SER A 9 4.51 9.21 -32.74
N VAL A 10 3.47 9.06 -31.93
CA VAL A 10 3.56 8.14 -30.77
C VAL A 10 3.84 6.71 -31.23
N LEU A 11 3.23 6.34 -32.35
CA LEU A 11 3.39 5.00 -32.90
C LEU A 11 4.83 4.73 -33.31
N SER A 12 5.49 5.74 -33.88
CA SER A 12 6.87 5.58 -34.37
C SER A 12 7.89 5.53 -33.24
N ARG A 13 7.80 6.47 -32.29
CA ARG A 13 8.75 6.53 -31.16
C ARG A 13 8.64 5.36 -30.20
N LEU A 14 7.46 4.74 -30.13
CA LEU A 14 7.23 3.61 -29.23
C LEU A 14 7.14 2.28 -29.98
N GLN A 15 7.84 2.20 -31.11
CA GLN A 15 7.72 1.08 -32.06
C GLN A 15 8.34 -0.20 -31.51
N ASP A 16 9.46 -0.07 -30.80
CA ASP A 16 10.06 -1.20 -30.10
C ASP A 16 10.16 -0.93 -28.59
N ALA A 17 9.28 -0.07 -28.09
CA ALA A 17 9.17 0.20 -26.65
C ALA A 17 7.90 -0.43 -26.06
N ALA A 18 6.77 -0.24 -26.73
CA ALA A 18 5.55 -0.94 -26.38
C ALA A 18 5.15 -1.86 -27.53
N VAL A 19 5.38 -3.18 -27.38
CA VAL A 19 5.04 -4.14 -28.47
C VAL A 19 4.12 -5.28 -28.05
N VAL A 20 3.41 -5.81 -29.05
CA VAL A 20 2.42 -6.90 -28.89
C VAL A 20 2.75 -8.09 -29.82
N ARG A 21 3.07 -9.25 -29.22
CA ARG A 21 3.21 -10.50 -29.99
C ARG A 21 2.02 -11.44 -29.69
N PRO A 22 0.91 -11.27 -30.42
CA PRO A 22 -0.24 -12.16 -30.24
C PRO A 22 0.09 -13.55 -30.74
N GLY A 23 -0.46 -14.58 -30.11
CA GLY A 23 -0.13 -15.95 -30.49
C GLY A 23 1.35 -16.23 -30.24
N PHE A 24 1.90 -15.58 -29.21
CA PHE A 24 3.20 -15.97 -28.69
C PHE A 24 3.11 -17.37 -28.08
N LEU A 25 1.96 -17.64 -27.48
CA LEU A 25 1.71 -18.93 -26.84
C LEU A 25 0.81 -19.77 -27.75
N SER A 26 1.13 -21.05 -27.86
CA SER A 26 0.22 -21.99 -28.48
C SER A 26 -0.90 -22.30 -27.51
N THR A 27 -1.91 -23.01 -28.02
CA THR A 27 -2.99 -23.55 -27.21
C THR A 27 -2.43 -24.40 -26.07
N ALA A 28 -1.48 -25.26 -26.40
CA ALA A 28 -0.91 -26.15 -25.42
C ALA A 28 -0.10 -25.40 -24.36
N GLU A 29 0.49 -24.26 -24.75
CA GLU A 29 1.27 -23.42 -23.84
C GLU A 29 0.32 -22.66 -22.92
N GLU A 30 -0.80 -22.21 -23.49
CA GLU A 30 -1.86 -21.53 -22.77
C GLU A 30 -2.44 -22.43 -21.67
N GLU A 31 -2.74 -23.68 -22.02
CA GLU A 31 -3.34 -24.61 -21.08
C GLU A 31 -2.35 -25.02 -20.00
N THR A 32 -1.07 -25.11 -20.36
CA THR A 32 -0.03 -25.46 -19.41
C THR A 32 0.00 -24.47 -18.23
N LEU A 33 -0.06 -23.18 -18.53
CA LEU A 33 -0.08 -22.16 -17.49
C LEU A 33 -1.43 -22.17 -16.80
N SER A 34 -2.50 -22.05 -17.59
CA SER A 34 -3.87 -22.10 -17.08
C SER A 34 -4.03 -23.21 -16.03
N ARG A 35 -3.76 -24.44 -16.46
CA ARG A 35 -3.93 -25.63 -15.63
C ARG A 35 -3.03 -25.56 -14.39
N GLU A 36 -1.77 -25.14 -14.56
CA GLU A 36 -0.82 -25.10 -13.44
C GLU A 36 -1.20 -24.07 -12.38
N LEU A 37 -1.80 -22.95 -12.81
CA LEU A 37 -2.10 -21.82 -11.92
C LEU A 37 -3.46 -21.91 -11.22
N GLU A 38 -4.39 -22.69 -11.74
CA GLU A 38 -5.74 -22.72 -11.21
C GLU A 38 -5.87 -23.10 -9.72
N PRO A 39 -5.11 -24.10 -9.25
CA PRO A 39 -5.26 -24.48 -7.84
C PRO A 39 -4.82 -23.39 -6.86
N GLU A 40 -3.63 -22.83 -7.11
CA GLU A 40 -3.12 -21.79 -6.22
C GLU A 40 -3.90 -20.48 -6.31
N LEU A 41 -4.65 -20.28 -7.39
CA LEU A 41 -5.51 -19.12 -7.54
C LEU A 41 -6.87 -19.36 -6.90
N ARG A 42 -7.41 -20.56 -7.05
CA ARG A 42 -8.69 -20.91 -6.40
C ARG A 42 -8.51 -20.96 -4.88
N ARG A 43 -7.29 -21.24 -4.43
CA ARG A 43 -6.94 -21.22 -3.00
C ARG A 43 -7.05 -19.84 -2.36
N ARG A 44 -7.34 -18.80 -3.14
CA ARG A 44 -7.66 -17.49 -2.57
C ARG A 44 -8.87 -16.88 -3.23
N ARG A 45 -9.47 -15.93 -2.52
CA ARG A 45 -10.66 -15.29 -2.98
C ARG A 45 -10.27 -13.95 -3.56
N TYR A 46 -11.20 -13.36 -4.31
CA TYR A 46 -10.95 -12.09 -4.97
C TYR A 46 -10.83 -10.99 -3.90
N GLU A 47 -9.59 -10.52 -3.72
CA GLU A 47 -9.25 -9.75 -2.53
C GLU A 47 -10.00 -8.42 -2.43
N TYR A 48 -10.04 -7.89 -1.20
CA TYR A 48 -10.84 -6.72 -0.83
C TYR A 48 -10.60 -5.51 -1.72
N ASP A 49 -11.67 -4.75 -1.97
CA ASP A 49 -11.57 -3.52 -2.74
C ASP A 49 -11.17 -2.34 -1.83
N HIS A 50 -10.03 -1.72 -2.14
CA HIS A 50 -9.61 -0.48 -1.51
C HIS A 50 -9.51 0.60 -2.59
N TRP A 51 -10.48 1.52 -2.58
CA TRP A 51 -10.71 2.49 -3.67
C TRP A 51 -9.47 3.00 -4.43
N ASP A 52 -8.37 3.22 -3.72
CA ASP A 52 -7.18 3.89 -4.29
C ASP A 52 -6.11 2.93 -4.79
N ALA A 53 -6.37 1.63 -4.69
CA ALA A 53 -5.49 0.63 -5.29
C ALA A 53 -5.55 0.73 -6.83
N ALA A 54 -4.46 0.37 -7.49
CA ALA A 54 -4.41 0.30 -8.96
C ALA A 54 -5.29 -0.84 -9.51
N ILE A 55 -5.28 -1.97 -8.83
CA ILE A 55 -5.97 -3.18 -9.29
C ILE A 55 -7.21 -3.38 -8.47
N HIS A 56 -8.34 -3.61 -9.14
CA HIS A 56 -9.60 -3.93 -8.47
C HIS A 56 -10.11 -5.29 -8.93
N GLY A 57 -10.75 -6.01 -8.00
CA GLY A 57 -11.41 -7.28 -8.31
C GLY A 57 -10.44 -8.33 -8.79
N PHE A 58 -9.43 -8.59 -7.97
CA PHE A 58 -8.28 -9.38 -8.35
C PHE A 58 -7.91 -10.28 -7.21
N ARG A 59 -7.24 -11.37 -7.55
CA ARG A 59 -6.37 -12.10 -6.64
C ARG A 59 -5.06 -12.31 -7.36
N GLU A 60 -4.01 -12.58 -6.60
CA GLU A 60 -2.68 -12.62 -7.14
C GLU A 60 -1.74 -13.52 -6.35
N THR A 61 -0.59 -13.81 -6.96
CA THR A 61 0.49 -14.52 -6.25
C THR A 61 1.82 -14.38 -6.98
N GLU A 62 2.90 -14.61 -6.24
CA GLU A 62 4.24 -14.58 -6.79
C GLU A 62 4.73 -16.01 -6.86
N LYS A 63 5.11 -16.43 -8.07
CA LYS A 63 5.50 -17.81 -8.31
C LYS A 63 6.91 -17.87 -8.87
N SER A 64 7.68 -18.80 -8.35
CA SER A 64 9.06 -18.99 -8.73
C SER A 64 9.40 -20.46 -8.85
N ARG A 65 8.55 -21.28 -8.26
CA ARG A 65 8.70 -22.72 -8.27
C ARG A 65 7.70 -23.19 -9.33
N TRP A 66 8.21 -23.49 -10.51
CA TRP A 66 7.38 -23.82 -11.68
C TRP A 66 7.66 -25.23 -12.17
N SER A 67 6.76 -25.77 -12.98
CA SER A 67 6.99 -27.04 -13.67
C SER A 67 8.06 -26.82 -14.74
N GLU A 68 8.53 -27.91 -15.33
CA GLU A 68 9.46 -27.83 -16.48
C GLU A 68 8.77 -27.29 -17.74
N ALA A 69 7.49 -27.61 -17.87
CA ALA A 69 6.67 -27.11 -18.98
C ALA A 69 6.44 -25.61 -18.89
N SER A 70 6.20 -25.11 -17.68
CA SER A 70 5.99 -23.68 -17.45
C SER A 70 7.28 -22.86 -17.45
N ARG A 71 8.36 -23.45 -16.95
CA ARG A 71 9.69 -22.83 -16.99
C ARG A 71 10.14 -22.59 -18.42
N ALA A 72 9.97 -23.61 -19.27
CA ALA A 72 10.23 -23.51 -20.70
C ALA A 72 9.61 -22.25 -21.32
N ILE A 73 8.37 -21.95 -20.95
CA ILE A 73 7.62 -20.81 -21.46
C ILE A 73 8.11 -19.44 -20.97
N LEU A 74 8.47 -19.35 -19.69
CA LEU A 74 8.93 -18.08 -19.14
C LEU A 74 10.31 -17.75 -19.75
N ARG A 75 11.15 -18.77 -19.90
CA ARG A 75 12.40 -18.64 -20.63
C ARG A 75 12.23 -18.11 -22.05
N ARG A 76 11.14 -18.48 -22.71
CA ARG A 76 10.78 -17.92 -24.02
C ARG A 76 10.52 -16.42 -23.93
N VAL A 77 9.77 -16.02 -22.91
CA VAL A 77 9.56 -14.62 -22.59
C VAL A 77 10.92 -13.95 -22.33
N GLN A 78 11.62 -14.44 -21.30
CA GLN A 78 12.97 -14.00 -20.97
C GLN A 78 13.84 -13.80 -22.23
N ALA A 79 13.84 -14.80 -23.10
CA ALA A 79 14.58 -14.76 -24.37
C ALA A 79 14.10 -13.62 -25.27
N ALA A 80 12.78 -13.55 -25.47
CA ALA A 80 12.13 -12.55 -26.35
C ALA A 80 12.03 -11.10 -25.84
N ALA A 81 12.12 -10.90 -24.53
CA ALA A 81 11.83 -9.58 -23.95
C ALA A 81 12.99 -8.90 -23.23
N PHE A 82 13.86 -9.69 -22.61
CA PHE A 82 15.00 -9.18 -21.83
C PHE A 82 16.32 -9.53 -22.50
N GLY A 83 17.33 -8.69 -22.25
CA GLY A 83 18.65 -8.85 -22.86
C GLY A 83 19.68 -9.51 -21.94
N PRO A 84 20.92 -8.96 -21.88
CA PRO A 84 21.97 -9.50 -21.01
C PRO A 84 21.46 -9.92 -19.63
N GLN A 86 19.52 -7.42 -18.76
CA GLN A 86 18.49 -7.08 -17.78
C GLN A 86 18.10 -8.33 -16.99
N THR A 87 18.54 -8.40 -15.74
CA THR A 87 18.22 -9.53 -14.85
C THR A 87 16.74 -9.53 -14.51
N LEU A 88 16.20 -10.71 -14.17
CA LEU A 88 14.81 -10.86 -13.76
C LEU A 88 14.63 -10.64 -12.25
N LEU A 89 13.38 -10.47 -11.83
CA LEU A 89 13.08 -10.53 -10.40
C LEU A 89 13.12 -11.98 -9.94
N SER A 90 13.30 -12.20 -8.64
CA SER A 90 13.36 -13.54 -8.07
C SER A 90 12.18 -14.43 -8.51
N SER A 91 11.04 -13.83 -8.75
CA SER A 91 9.78 -14.53 -8.98
C SER A 91 8.92 -13.85 -10.04
N VAL A 92 7.83 -14.52 -10.41
CA VAL A 92 6.88 -14.03 -11.40
C VAL A 92 5.57 -13.67 -10.74
N HIS A 93 5.04 -12.51 -11.12
CA HIS A 93 3.77 -12.02 -10.62
C HIS A 93 2.58 -12.53 -11.45
N VAL A 94 1.70 -13.30 -10.80
CA VAL A 94 0.57 -13.90 -11.45
C VAL A 94 -0.70 -13.23 -11.00
N LEU A 95 -1.34 -12.51 -11.90
CA LEU A 95 -2.47 -11.71 -11.57
C LEU A 95 -3.78 -12.21 -12.19
N ASP A 96 -4.75 -12.50 -11.33
CA ASP A 96 -6.04 -13.04 -11.78
C ASP A 96 -7.15 -12.02 -11.67
N LEU A 97 -7.55 -11.45 -12.80
CA LEU A 97 -8.64 -10.47 -12.78
C LEU A 97 -9.97 -11.14 -13.05
N GLU A 98 -10.94 -10.75 -12.24
CA GLU A 98 -12.30 -11.19 -12.36
C GLU A 98 -12.85 -10.43 -13.55
N ALA A 99 -13.90 -10.97 -14.17
CA ALA A 99 -14.61 -10.27 -15.26
C ALA A 99 -14.98 -8.84 -14.90
N ARG A 100 -15.31 -8.63 -13.62
CA ARG A 100 -15.67 -7.32 -13.12
C ARG A 100 -14.44 -6.52 -12.69
N GLY A 101 -13.30 -7.19 -12.63
CA GLY A 101 -12.03 -6.59 -12.26
C GLY A 101 -11.37 -5.80 -13.38
N TYR A 102 -10.47 -4.91 -12.99
CA TYR A 102 -9.77 -4.06 -13.93
C TYR A 102 -8.59 -3.41 -13.24
N ILE A 103 -7.84 -2.65 -14.03
CA ILE A 103 -6.62 -2.02 -13.57
C ILE A 103 -6.60 -0.56 -13.98
N LYS A 104 -6.37 0.31 -13.01
CA LYS A 104 -6.37 1.74 -13.20
C LYS A 104 -5.00 2.17 -13.73
N PRO A 105 -4.91 3.38 -14.32
CA PRO A 105 -3.67 3.88 -14.91
C PRO A 105 -2.57 3.96 -13.88
N HIS A 106 -1.41 3.40 -14.17
CA HIS A 106 -0.26 3.54 -13.29
C HIS A 106 1.02 3.23 -13.98
N VAL A 107 2.10 3.64 -13.35
CA VAL A 107 3.39 3.22 -13.78
C VAL A 107 3.89 2.27 -12.71
N ASP A 108 4.62 1.24 -13.11
CA ASP A 108 5.19 0.29 -12.19
C ASP A 108 6.32 0.90 -11.41
N SER A 109 6.39 0.55 -10.13
CA SER A 109 7.40 1.07 -9.23
C SER A 109 8.80 1.08 -9.79
N ILE A 110 9.30 2.29 -10.08
CA ILE A 110 10.66 2.44 -10.62
C ILE A 110 11.69 2.02 -9.57
N LYS A 111 11.26 1.98 -8.31
CA LYS A 111 12.11 1.47 -7.23
C LYS A 111 12.39 -0.02 -7.39
N PHE A 112 11.34 -0.80 -7.64
CA PHE A 112 11.42 -2.27 -7.62
C PHE A 112 11.39 -2.93 -9.01
N CYS A 113 10.75 -2.26 -9.97
CA CYS A 113 10.70 -2.77 -11.35
C CYS A 113 11.68 -2.02 -12.23
N GLY A 114 12.55 -2.78 -12.90
CA GLY A 114 13.51 -2.21 -13.83
C GLY A 114 12.87 -1.69 -15.12
N ALA A 115 13.65 -1.71 -16.17
CA ALA A 115 13.31 -1.02 -17.40
C ALA A 115 12.60 -1.93 -18.42
N THR A 116 12.02 -3.04 -17.97
CA THR A 116 11.15 -3.81 -18.88
C THR A 116 10.11 -4.61 -18.14
N ILE A 117 8.88 -4.53 -18.67
CA ILE A 117 7.76 -5.31 -18.18
C ILE A 117 7.23 -6.17 -19.34
N ALA A 118 7.08 -7.47 -19.12
CA ALA A 118 6.45 -8.32 -20.16
C ALA A 118 5.35 -9.20 -19.59
N GLY A 119 4.11 -9.00 -20.08
CA GLY A 119 2.99 -9.81 -19.64
C GLY A 119 2.46 -10.80 -20.67
N LEU A 120 2.24 -12.04 -20.22
CA LEU A 120 1.40 -13.01 -20.94
C LEU A 120 -0.04 -12.88 -20.54
N SER A 121 -0.93 -13.05 -21.52
CA SER A 121 -2.35 -12.91 -21.28
C SER A 121 -3.07 -14.24 -21.53
N LEU A 122 -3.98 -14.58 -20.61
CA LEU A 122 -4.61 -15.89 -20.55
C LEU A 122 -6.12 -15.80 -20.36
N LEU A 123 -6.82 -16.76 -20.98
CA LEU A 123 -8.26 -16.98 -20.82
C LEU A 123 -9.17 -16.09 -21.67
N SER A 124 -8.99 -14.79 -21.58
CA SER A 124 -9.91 -13.85 -22.17
C SER A 124 -9.15 -12.61 -22.63
N PRO A 125 -9.68 -11.94 -23.68
CA PRO A 125 -9.13 -10.73 -24.27
C PRO A 125 -9.41 -9.49 -23.40
N SER A 126 -8.55 -8.50 -23.56
CA SER A 126 -8.73 -7.22 -22.94
C SER A 126 -7.82 -6.21 -23.66
N VAL A 127 -8.07 -4.93 -23.42
CA VAL A 127 -7.27 -3.86 -24.00
C VAL A 127 -6.50 -3.13 -22.88
N MET A 128 -5.20 -2.99 -23.07
CA MET A 128 -4.35 -2.14 -22.20
C MET A 128 -4.15 -0.74 -22.82
N ARG A 129 -4.51 0.31 -22.10
CA ARG A 129 -4.32 1.67 -22.60
C ARG A 129 -3.10 2.31 -21.97
N LEU A 130 -2.26 2.91 -22.82
CA LEU A 130 -1.14 3.74 -22.34
C LEU A 130 -1.27 5.16 -22.77
N VAL A 131 -1.08 6.06 -21.80
CA VAL A 131 -1.29 7.50 -21.93
C VAL A 131 -0.02 8.13 -21.40
N HIS A 132 0.50 9.14 -22.11
CA HIS A 132 1.68 9.87 -21.66
C HIS A 132 1.29 10.53 -20.33
N THR A 133 2.14 10.39 -19.33
CA THR A 133 1.88 11.04 -18.04
C THR A 133 1.71 12.54 -18.25
N GLN A 134 2.67 13.15 -18.95
CA GLN A 134 2.68 14.61 -19.19
C GLN A 134 1.58 15.07 -20.14
N GLU A 135 1.38 14.31 -21.20
CA GLU A 135 0.49 14.73 -22.29
C GLU A 135 -0.70 13.78 -22.45
N PRO A 136 -1.92 14.21 -22.07
CA PRO A 136 -3.08 13.33 -22.19
C PRO A 136 -3.38 12.93 -23.65
N GLY A 137 -3.08 13.84 -24.57
CA GLY A 137 -3.37 13.65 -25.99
C GLY A 137 -2.58 12.52 -26.63
N GLU A 138 -1.46 12.15 -26.03
CA GLU A 138 -0.60 11.09 -26.51
C GLU A 138 -0.89 9.74 -25.81
N TRP A 139 -1.62 8.89 -26.51
CA TRP A 139 -2.01 7.57 -26.00
C TRP A 139 -1.87 6.47 -27.04
N LEU A 140 -1.75 5.23 -26.56
CA LEU A 140 -1.81 4.01 -27.36
C LEU A 140 -2.69 2.99 -26.66
N GLU A 141 -3.59 2.35 -27.40
CA GLU A 141 -4.35 1.20 -26.86
C GLU A 141 -3.80 -0.08 -27.50
N LEU A 142 -3.62 -1.13 -26.69
CA LEU A 142 -3.14 -2.41 -27.18
C LEU A 142 -4.23 -3.47 -27.03
N LEU A 143 -4.49 -4.23 -28.10
CA LEU A 143 -5.36 -5.43 -28.02
C LEU A 143 -4.60 -6.66 -27.53
N LEU A 144 -4.89 -7.11 -26.30
CA LEU A 144 -4.16 -8.24 -25.71
C LEU A 144 -5.02 -9.48 -25.78
N GLU A 145 -4.65 -10.45 -26.61
CA GLU A 145 -5.49 -11.62 -26.78
C GLU A 145 -4.96 -12.80 -25.98
N PRO A 146 -5.83 -13.77 -25.67
CA PRO A 146 -5.27 -14.97 -25.06
C PRO A 146 -4.14 -15.53 -25.89
N GLY A 147 -3.08 -15.91 -25.22
CA GLY A 147 -1.87 -16.34 -25.81
C GLY A 147 -0.91 -15.23 -26.18
N SER A 148 -1.33 -13.96 -26.08
CA SER A 148 -0.44 -12.85 -26.44
C SER A 148 0.65 -12.57 -25.41
N LEU A 149 1.75 -11.99 -25.87
CA LEU A 149 2.75 -11.40 -24.99
C LEU A 149 2.83 -9.92 -25.33
N TYR A 150 2.78 -9.04 -24.31
CA TYR A 150 3.17 -7.63 -24.50
C TYR A 150 4.49 -7.38 -23.80
N ILE A 151 5.21 -6.37 -24.28
CA ILE A 151 6.48 -5.93 -23.67
C ILE A 151 6.39 -4.41 -23.53
N LEU A 152 6.56 -3.89 -22.31
CA LEU A 152 6.55 -2.44 -22.13
C LEU A 152 7.93 -2.05 -21.61
N ARG A 153 8.68 -1.29 -22.39
CA ARG A 153 10.09 -1.00 -22.05
C ARG A 153 10.42 0.44 -22.36
N GLY A 154 11.62 0.90 -21.97
CA GLY A 154 12.03 2.28 -22.22
C GLY A 154 10.98 3.28 -21.81
N SER A 155 10.70 4.24 -22.70
CA SER A 155 9.76 5.32 -22.47
C SER A 155 8.30 4.89 -22.23
N ALA A 156 7.85 3.77 -22.80
CA ALA A 156 6.47 3.32 -22.56
C ALA A 156 6.35 2.74 -21.13
N ARG A 157 7.46 2.29 -20.57
CA ARG A 157 7.50 1.88 -19.17
C ARG A 157 7.55 3.08 -18.18
N TYR A 158 8.23 4.16 -18.57
CA TYR A 158 8.56 5.26 -17.65
C TYR A 158 7.72 6.52 -17.81
N ASP A 159 7.38 6.91 -19.05
CA ASP A 159 6.67 8.15 -19.29
C ASP A 159 5.22 7.93 -19.66
N PHE A 160 4.78 6.68 -19.61
CA PHE A 160 3.43 6.33 -19.90
C PHE A 160 2.86 5.48 -18.78
N SER A 161 1.64 5.80 -18.40
CA SER A 161 0.86 4.95 -17.53
C SER A 161 0.23 3.88 -18.39
N HIS A 162 -0.21 2.82 -17.74
CA HIS A 162 -0.89 1.78 -18.42
C HIS A 162 -1.93 1.12 -17.51
N GLU A 163 -2.98 0.64 -18.14
CA GLU A 163 -4.20 0.19 -17.46
C GLU A 163 -4.88 -0.88 -18.30
N ILE A 164 -5.65 -1.76 -17.66
CA ILE A 164 -6.46 -2.75 -18.37
C ILE A 164 -7.89 -2.36 -18.15
N LEU A 165 -8.60 -2.12 -19.25
CA LEU A 165 -9.86 -1.42 -19.19
C LEU A 165 -10.92 -2.35 -18.59
N ARG A 166 -11.92 -1.72 -17.98
CA ARG A 166 -13.02 -2.45 -17.34
C ARG A 166 -14.11 -2.69 -18.38
N ASP A 167 -14.96 -3.66 -18.08
CA ASP A 167 -15.99 -4.09 -19.01
C ASP A 167 -16.83 -2.95 -19.60
N GLU A 168 -17.12 -1.92 -18.81
CA GLU A 168 -18.00 -0.85 -19.30
C GLU A 168 -17.24 0.14 -20.20
N GLU A 169 -15.92 0.00 -20.24
CA GLU A 169 -15.06 0.87 -21.05
C GLU A 169 -14.16 0.07 -21.99
N SER A 170 -14.44 -1.24 -22.15
CA SER A 170 -13.51 -2.13 -22.81
C SER A 170 -13.70 -1.99 -24.32
N PHE A 171 -13.02 -0.98 -24.87
CA PHE A 171 -13.06 -0.59 -26.28
C PHE A 171 -11.66 -0.63 -26.86
N PHE A 172 -11.58 -1.09 -28.10
CA PHE A 172 -10.37 -0.95 -28.93
C PHE A 172 -10.79 -0.14 -30.15
N GLY A 173 -10.60 1.17 -30.08
CA GLY A 173 -10.95 2.08 -31.18
C GLY A 173 -12.43 2.43 -31.27
N GLU A 174 -13.21 1.48 -31.79
CA GLU A 174 -14.67 1.57 -31.76
C GLU A 174 -15.30 0.24 -31.37
N ARG A 175 -14.49 -0.80 -31.22
CA ARG A 175 -14.97 -2.16 -31.05
C ARG A 175 -14.98 -2.58 -29.59
N ARG A 176 -16.15 -2.95 -29.08
CA ARG A 176 -16.25 -3.48 -27.71
C ARG A 176 -15.49 -4.81 -27.64
N ILE A 177 -14.74 -5.01 -26.55
CA ILE A 177 -14.04 -6.25 -26.29
C ILE A 177 -14.52 -6.79 -24.96
N PRO A 178 -15.65 -7.53 -24.96
CA PRO A 178 -16.19 -8.04 -23.69
C PRO A 178 -15.14 -8.58 -22.73
N ARG A 179 -15.27 -8.14 -21.49
CA ARG A 179 -14.35 -8.50 -20.42
C ARG A 179 -14.81 -9.78 -19.74
N GLY A 180 -13.87 -10.71 -19.60
CA GLY A 180 -14.07 -11.91 -18.78
C GLY A 180 -12.98 -11.98 -17.75
N ARG A 181 -12.92 -13.10 -17.00
CA ARG A 181 -11.81 -13.40 -16.14
C ARG A 181 -10.57 -13.60 -17.00
N ARG A 182 -9.46 -13.04 -16.54
CA ARG A 182 -8.22 -13.04 -17.30
C ARG A 182 -7.09 -13.17 -16.32
N ILE A 183 -6.22 -14.12 -16.57
CA ILE A 183 -5.03 -14.25 -15.78
C ILE A 183 -3.87 -13.62 -16.55
N SER A 184 -3.00 -12.92 -15.83
CA SER A 184 -1.76 -12.37 -16.38
C SER A 184 -0.61 -13.03 -15.68
N VAL A 185 0.41 -13.35 -16.46
CA VAL A 185 1.66 -13.82 -15.93
C VAL A 185 2.68 -12.78 -16.30
N ILE A 186 3.19 -12.07 -15.30
CA ILE A 186 4.08 -10.93 -15.57
C ILE A 186 5.53 -11.14 -15.09
N CYS A 187 6.45 -10.83 -15.99
CA CYS A 187 7.86 -10.97 -15.71
C CYS A 187 8.49 -9.58 -15.65
N ARG A 188 9.29 -9.34 -14.64
CA ARG A 188 9.85 -7.99 -14.51
C ARG A 188 11.35 -8.02 -14.37
N SER A 189 11.98 -6.91 -14.71
CA SER A 189 13.40 -6.81 -14.56
C SER A 189 13.71 -6.16 -13.23
N LEU A 190 14.91 -6.48 -12.73
CA LEU A 190 15.48 -5.90 -11.52
C LEU A 190 15.98 -4.48 -11.82
N PRO A 191 16.01 -3.61 -10.78
CA PRO A 191 16.50 -2.24 -10.96
C PRO A 191 18.00 -2.14 -11.22
N MET B 1 -20.36 25.63 16.64
CA MET B 1 -20.98 24.37 17.09
C MET B 1 -20.29 23.16 16.47
N TRP B 2 -20.02 23.22 15.17
CA TRP B 2 -19.36 22.10 14.49
C TRP B 2 -18.13 22.47 13.66
N VAL B 3 -17.66 23.71 13.82
CA VAL B 3 -16.42 24.14 13.18
C VAL B 3 -15.59 24.97 14.16
N ARG B 4 -14.33 24.58 14.31
CA ARG B 4 -13.34 25.38 15.02
C ARG B 4 -12.08 25.40 14.18
N GLY B 5 -11.20 26.35 14.48
CA GLY B 5 -9.91 26.43 13.81
C GLY B 5 -8.88 27.24 14.55
N SER B 6 -7.69 27.28 13.98
CA SER B 6 -6.54 27.95 14.57
C SER B 6 -6.66 29.48 14.50
N GLY B 7 -7.14 30.00 13.39
CA GLY B 7 -7.29 31.46 13.22
C GLY B 7 -8.35 31.86 12.21
N PRO B 8 -8.61 33.17 12.09
CA PRO B 8 -9.60 33.67 11.14
C PRO B 8 -9.20 33.46 9.67
N SER B 9 -7.90 33.48 9.38
CA SER B 9 -7.40 33.25 8.03
C SER B 9 -7.83 31.89 7.46
N VAL B 10 -7.47 30.82 8.15
CA VAL B 10 -7.85 29.46 7.76
C VAL B 10 -9.36 29.25 7.81
N LEU B 11 -10.02 29.93 8.75
CA LEU B 11 -11.47 29.97 8.82
C LEU B 11 -12.05 30.65 7.58
N SER B 12 -11.46 31.80 7.24
CA SER B 12 -11.86 32.57 6.07
C SER B 12 -11.70 31.77 4.78
N ARG B 13 -10.48 31.35 4.51
CA ARG B 13 -10.14 30.74 3.22
C ARG B 13 -10.63 29.30 3.04
N LEU B 14 -11.27 28.73 4.06
CA LEU B 14 -11.90 27.41 3.93
C LEU B 14 -13.40 27.44 4.29
N GLN B 15 -14.01 28.62 4.32
CA GLN B 15 -15.44 28.75 4.70
C GLN B 15 -16.37 27.97 3.76
N ASP B 16 -15.97 27.86 2.50
CA ASP B 16 -16.71 27.13 1.46
C ASP B 16 -16.09 25.77 1.12
N ALA B 17 -14.87 25.55 1.60
CA ALA B 17 -14.08 24.39 1.18
C ALA B 17 -14.36 23.19 2.07
N ALA B 18 -14.16 23.40 3.37
CA ALA B 18 -14.41 22.37 4.39
C ALA B 18 -15.73 22.70 5.07
N VAL B 19 -16.75 21.93 4.74
CA VAL B 19 -18.13 22.22 5.16
C VAL B 19 -18.67 21.01 5.95
N VAL B 20 -19.59 21.29 6.87
CA VAL B 20 -20.32 20.24 7.60
C VAL B 20 -21.79 20.63 7.73
N ARG B 21 -22.65 19.65 7.41
CA ARG B 21 -24.08 19.78 7.58
C ARG B 21 -24.59 18.67 8.49
N PRO B 22 -24.65 18.94 9.81
CA PRO B 22 -25.20 17.95 10.75
C PRO B 22 -26.69 17.74 10.51
N GLY B 23 -27.17 16.53 10.75
CA GLY B 23 -28.60 16.25 10.48
C GLY B 23 -28.91 16.26 8.99
N PHE B 24 -27.91 15.93 8.17
CA PHE B 24 -28.17 15.75 6.73
C PHE B 24 -29.16 14.59 6.60
N LEU B 25 -28.81 13.48 7.25
CA LEU B 25 -29.64 12.28 7.29
C LEU B 25 -30.64 12.31 8.45
N SER B 26 -31.89 12.03 8.14
CA SER B 26 -32.88 11.80 9.16
C SER B 26 -32.59 10.50 9.88
N THR B 27 -33.30 10.29 10.99
CA THR B 27 -33.11 9.10 11.82
C THR B 27 -33.48 7.85 11.02
N ALA B 28 -34.53 7.97 10.20
CA ALA B 28 -34.94 6.89 9.28
C ALA B 28 -33.89 6.57 8.22
N GLU B 29 -33.23 7.60 7.69
CA GLU B 29 -32.10 7.43 6.76
C GLU B 29 -30.84 6.80 7.36
N GLU B 30 -30.50 7.20 8.59
CA GLU B 30 -29.35 6.62 9.30
C GLU B 30 -29.56 5.12 9.48
N GLU B 31 -30.80 4.75 9.79
CA GLU B 31 -31.18 3.36 10.03
C GLU B 31 -31.13 2.53 8.74
N THR B 32 -31.79 3.05 7.69
CA THR B 32 -31.69 2.49 6.34
C THR B 32 -30.27 2.10 6.02
N LEU B 33 -29.34 3.05 6.16
CA LEU B 33 -27.95 2.80 5.82
C LEU B 33 -27.35 1.72 6.70
N SER B 34 -27.44 1.91 8.02
CA SER B 34 -26.83 1.01 8.98
C SER B 34 -27.29 -0.42 8.80
N ARG B 35 -28.60 -0.60 8.72
CA ARG B 35 -29.20 -1.92 8.61
C ARG B 35 -28.75 -2.58 7.31
N GLU B 36 -28.72 -1.79 6.22
CA GLU B 36 -28.26 -2.30 4.94
C GLU B 36 -26.80 -2.70 4.95
N LEU B 37 -25.94 -1.93 5.63
CA LEU B 37 -24.51 -2.20 5.61
C LEU B 37 -24.05 -3.28 6.60
N GLU B 38 -24.87 -3.67 7.55
CA GLU B 38 -24.38 -4.53 8.66
C GLU B 38 -23.95 -5.94 8.25
N PRO B 39 -24.80 -6.66 7.48
CA PRO B 39 -24.39 -8.01 7.07
C PRO B 39 -23.03 -8.05 6.38
N GLU B 40 -22.84 -7.13 5.45
CA GLU B 40 -21.58 -7.02 4.72
C GLU B 40 -20.38 -6.83 5.65
N LEU B 41 -20.42 -5.79 6.49
CA LEU B 41 -19.28 -5.48 7.37
C LEU B 41 -18.99 -6.59 8.36
N ARG B 42 -20.02 -7.21 8.92
CA ARG B 42 -19.82 -8.30 9.91
C ARG B 42 -19.19 -9.56 9.31
N ARG B 43 -19.18 -9.65 7.99
CA ARG B 43 -18.55 -10.76 7.28
C ARG B 43 -17.03 -10.56 7.20
N ARG B 44 -16.56 -9.36 7.52
CA ARG B 44 -15.16 -8.96 7.30
C ARG B 44 -14.43 -8.82 8.62
N ARG B 45 -13.17 -9.23 8.66
CA ARG B 45 -12.35 -9.13 9.86
C ARG B 45 -11.85 -7.68 10.05
N TYR B 46 -11.63 -7.27 11.31
CA TYR B 46 -11.01 -5.94 11.63
C TYR B 46 -9.51 -6.05 11.44
N GLU B 47 -8.97 -5.21 10.56
CA GLU B 47 -7.72 -5.51 9.85
C GLU B 47 -6.41 -5.48 10.61
N TYR B 48 -5.75 -6.65 10.58
CA TYR B 48 -4.34 -6.84 10.94
C TYR B 48 -3.54 -5.60 10.55
N ASP B 49 -2.78 -5.06 11.50
CA ASP B 49 -2.32 -3.67 11.36
C ASP B 49 -0.85 -3.45 11.00
N HIS B 50 -0.64 -2.36 10.26
CA HIS B 50 0.63 -2.08 9.59
C HIS B 50 0.98 -0.63 9.86
N TRP B 51 1.90 -0.43 10.79
CA TRP B 51 2.17 0.88 11.38
C TRP B 51 2.00 2.08 10.43
N ASP B 52 2.46 1.96 9.19
CA ASP B 52 2.49 3.11 8.24
C ASP B 52 1.25 3.29 7.33
N ALA B 53 0.21 2.49 7.53
CA ALA B 53 -1.08 2.73 6.89
C ALA B 53 -1.83 3.85 7.59
N ALA B 54 -2.70 4.51 6.81
CA ALA B 54 -3.45 5.69 7.25
C ALA B 54 -4.67 5.35 8.10
N ILE B 55 -5.24 4.17 7.90
CA ILE B 55 -6.44 3.72 8.62
C ILE B 55 -6.04 2.55 9.52
N HIS B 56 -6.50 2.56 10.77
CA HIS B 56 -6.13 1.50 11.72
C HIS B 56 -7.34 1.08 12.54
N GLY B 57 -7.56 -0.23 12.65
CA GLY B 57 -8.69 -0.74 13.44
C GLY B 57 -9.96 -0.63 12.63
N PHE B 58 -9.93 -1.23 11.43
CA PHE B 58 -10.99 -1.03 10.48
C PHE B 58 -11.27 -2.21 9.56
N ARG B 59 -12.45 -2.19 8.98
CA ARG B 59 -12.81 -3.03 7.85
C ARG B 59 -13.56 -2.14 6.88
N GLU B 60 -13.61 -2.56 5.62
CA GLU B 60 -14.17 -1.72 4.58
C GLU B 60 -14.83 -2.53 3.46
N THR B 61 -15.87 -1.96 2.86
CA THR B 61 -16.43 -2.41 1.57
C THR B 61 -16.44 -1.25 0.57
N GLU B 62 -16.26 -1.58 -0.71
CA GLU B 62 -16.56 -0.66 -1.80
C GLU B 62 -17.90 -1.14 -2.37
N LYS B 63 -18.92 -0.28 -2.36
CA LYS B 63 -20.29 -0.70 -2.61
C LYS B 63 -20.93 -0.01 -3.82
N SER B 64 -21.29 -0.80 -4.83
CA SER B 64 -21.95 -0.29 -6.03
C SER B 64 -23.43 -0.70 -6.03
N ARG B 65 -23.68 -1.93 -5.57
CA ARG B 65 -25.04 -2.44 -5.38
C ARG B 65 -25.70 -1.81 -4.18
N TRP B 66 -26.81 -1.11 -4.40
CA TRP B 66 -27.56 -0.47 -3.32
C TRP B 66 -29.07 -0.59 -3.53
N SER B 67 -29.82 -0.70 -2.42
CA SER B 67 -31.27 -0.62 -2.47
C SER B 67 -31.75 0.73 -3.00
N GLU B 68 -33.03 0.79 -3.35
CA GLU B 68 -33.68 2.04 -3.75
C GLU B 68 -33.81 3.06 -2.59
N ALA B 69 -33.85 2.54 -1.37
CA ALA B 69 -33.87 3.38 -0.18
C ALA B 69 -32.54 4.10 -0.06
N SER B 70 -31.46 3.34 -0.10
CA SER B 70 -30.10 3.89 0.04
C SER B 70 -29.68 4.77 -1.14
N ARG B 71 -30.01 4.34 -2.36
CA ARG B 71 -29.73 5.18 -3.54
C ARG B 71 -30.29 6.60 -3.39
N ALA B 72 -31.52 6.72 -2.89
CA ALA B 72 -32.10 8.04 -2.57
C ALA B 72 -31.24 8.93 -1.65
N ILE B 73 -30.49 8.30 -0.75
CA ILE B 73 -29.62 9.02 0.18
C ILE B 73 -28.34 9.46 -0.50
N LEU B 74 -27.71 8.56 -1.27
CA LEU B 74 -26.49 8.91 -2.01
C LEU B 74 -26.75 9.98 -3.07
N ARG B 75 -27.93 9.94 -3.69
CA ARG B 75 -28.35 10.99 -4.62
C ARG B 75 -28.51 12.36 -3.95
N ARG B 76 -29.00 12.34 -2.70
CA ARG B 76 -29.06 13.54 -1.86
C ARG B 76 -27.66 14.10 -1.62
N VAL B 77 -26.72 13.23 -1.26
CA VAL B 77 -25.30 13.58 -1.09
C VAL B 77 -24.69 14.17 -2.38
N GLN B 78 -24.91 13.46 -3.50
CA GLN B 78 -24.36 13.82 -4.80
C GLN B 78 -24.82 15.22 -5.16
N ALA B 79 -26.14 15.41 -5.14
CA ALA B 79 -26.79 16.66 -5.50
C ALA B 79 -26.42 17.81 -4.57
N ALA B 80 -25.83 17.51 -3.40
CA ALA B 80 -25.45 18.51 -2.40
C ALA B 80 -23.96 18.83 -2.32
N ALA B 81 -23.12 17.83 -2.61
CA ALA B 81 -21.66 17.97 -2.46
C ALA B 81 -20.90 18.18 -3.78
N PHE B 82 -21.48 17.70 -4.90
CA PHE B 82 -20.80 17.68 -6.20
C PHE B 82 -21.59 18.46 -7.24
N GLY B 83 -20.88 18.91 -8.27
CA GLY B 83 -21.46 19.76 -9.32
C GLY B 83 -22.08 18.95 -10.45
N PRO B 84 -21.67 19.26 -11.71
CA PRO B 84 -22.41 18.92 -12.92
C PRO B 84 -23.80 18.33 -12.70
N GLN B 86 -17.45 15.90 -12.92
CA GLN B 86 -17.37 15.31 -11.58
C GLN B 86 -18.39 14.18 -11.34
N THR B 87 -18.64 13.36 -12.36
CA THR B 87 -19.46 12.17 -12.19
C THR B 87 -18.77 11.24 -11.20
N LEU B 88 -19.54 10.68 -10.28
CA LEU B 88 -19.00 9.92 -9.14
C LEU B 88 -18.10 8.77 -9.58
N LEU B 89 -17.26 8.29 -8.66
CA LEU B 89 -16.49 7.09 -8.89
C LEU B 89 -17.45 5.90 -9.08
N SER B 90 -16.93 4.77 -9.53
CA SER B 90 -17.76 3.58 -9.79
C SER B 90 -18.59 3.15 -8.58
N SER B 91 -17.96 3.15 -7.41
CA SER B 91 -18.57 2.71 -6.15
C SER B 91 -18.44 3.74 -5.03
N VAL B 92 -19.12 3.48 -3.92
CA VAL B 92 -19.05 4.32 -2.72
C VAL B 92 -18.36 3.57 -1.60
N HIS B 93 -17.31 4.19 -1.07
CA HIS B 93 -16.54 3.60 0.01
C HIS B 93 -17.39 3.56 1.27
N VAL B 94 -17.27 2.46 1.99
CA VAL B 94 -17.93 2.34 3.29
C VAL B 94 -16.86 1.80 4.20
N LEU B 95 -16.64 2.52 5.29
CA LEU B 95 -15.52 2.27 6.18
C LEU B 95 -16.04 2.10 7.61
N ASP B 96 -15.51 1.10 8.30
CA ASP B 96 -16.02 0.71 9.62
C ASP B 96 -14.84 0.78 10.55
N LEU B 97 -14.86 1.81 11.38
CA LEU B 97 -13.85 1.99 12.39
C LEU B 97 -14.41 1.39 13.66
N GLU B 98 -13.65 0.49 14.27
CA GLU B 98 -14.00 0.04 15.61
C GLU B 98 -13.74 1.19 16.62
N ALA B 99 -14.19 0.99 17.86
CA ALA B 99 -14.03 2.00 18.92
C ALA B 99 -12.59 2.45 19.08
N ARG B 100 -11.67 1.50 19.12
CA ARG B 100 -10.23 1.75 19.25
C ARG B 100 -9.58 2.15 17.92
N GLY B 101 -10.40 2.36 16.89
CA GLY B 101 -9.92 2.51 15.53
C GLY B 101 -9.82 3.99 15.25
N TYR B 102 -8.95 4.35 14.32
CA TYR B 102 -8.80 5.75 13.95
C TYR B 102 -8.12 5.90 12.58
N ILE B 103 -8.13 7.13 12.09
CA ILE B 103 -7.47 7.49 10.82
C ILE B 103 -6.34 8.52 11.08
N LYS B 104 -5.12 8.18 10.71
CA LYS B 104 -3.97 9.09 10.85
C LYS B 104 -4.03 10.20 9.78
N PRO B 105 -3.23 11.30 9.94
CA PRO B 105 -3.34 12.37 8.95
C PRO B 105 -3.00 11.86 7.54
N HIS B 106 -3.78 12.23 6.56
CA HIS B 106 -3.48 11.88 5.17
C HIS B 106 -4.25 12.79 4.25
N VAL B 107 -3.87 12.74 2.98
CA VAL B 107 -4.60 13.38 1.90
C VAL B 107 -4.99 12.26 0.93
N ASP B 108 -6.23 12.20 0.49
CA ASP B 108 -6.67 11.15 -0.47
C ASP B 108 -5.81 11.23 -1.72
N SER B 109 -5.52 10.08 -2.35
CA SER B 109 -4.67 10.05 -3.56
C SER B 109 -5.16 11.08 -4.57
N ILE B 110 -4.22 11.77 -5.23
CA ILE B 110 -4.56 12.71 -6.30
C ILE B 110 -4.83 11.98 -7.63
N LYS B 111 -4.30 10.77 -7.76
CA LYS B 111 -4.45 10.00 -8.98
C LYS B 111 -5.84 9.36 -9.11
N PHE B 112 -6.53 9.15 -7.98
CA PHE B 112 -7.81 8.43 -7.96
C PHE B 112 -9.02 9.13 -7.33
N CYS B 113 -8.83 10.21 -6.57
CA CYS B 113 -9.94 11.05 -6.11
C CYS B 113 -9.85 12.44 -6.71
N GLY B 114 -10.99 12.98 -7.12
CA GLY B 114 -11.05 14.29 -7.76
C GLY B 114 -10.87 15.41 -6.75
N ALA B 115 -11.56 16.53 -6.97
CA ALA B 115 -11.39 17.70 -6.10
C ALA B 115 -12.42 17.76 -4.99
N THR B 116 -13.30 16.76 -4.87
CA THR B 116 -14.35 16.78 -3.82
C THR B 116 -14.51 15.43 -3.14
N ILE B 117 -14.67 15.50 -1.81
CA ILE B 117 -14.90 14.35 -0.93
C ILE B 117 -16.14 14.69 -0.09
N ALA B 118 -17.10 13.77 -0.09
CA ALA B 118 -18.30 13.89 0.72
C ALA B 118 -18.47 12.65 1.61
N GLY B 119 -18.44 12.84 2.94
CA GLY B 119 -18.55 11.76 3.93
C GLY B 119 -19.82 11.79 4.77
N LEU B 120 -20.47 10.63 4.90
CA LEU B 120 -21.61 10.50 5.79
C LEU B 120 -21.14 9.75 7.06
N SER B 121 -21.71 10.11 8.20
CA SER B 121 -21.23 9.65 9.51
C SER B 121 -22.36 9.00 10.28
N LEU B 122 -22.09 7.82 10.79
CA LEU B 122 -23.11 7.00 11.44
C LEU B 122 -22.61 6.34 12.70
N LEU B 123 -23.59 6.00 13.56
CA LEU B 123 -23.38 5.24 14.77
C LEU B 123 -22.81 6.11 15.90
N SER B 124 -21.53 6.49 15.77
CA SER B 124 -20.81 7.17 16.84
C SER B 124 -20.19 8.48 16.35
N PRO B 125 -19.92 9.42 17.29
CA PRO B 125 -19.46 10.73 16.87
C PRO B 125 -17.97 10.72 16.71
N SER B 126 -17.44 11.73 16.05
CA SER B 126 -15.99 11.86 15.95
C SER B 126 -15.58 13.28 15.55
N VAL B 127 -14.29 13.49 15.44
CA VAL B 127 -13.74 14.80 15.17
C VAL B 127 -12.80 14.63 14.01
N MET B 128 -13.04 15.34 12.92
CA MET B 128 -12.10 15.33 11.83
C MET B 128 -11.19 16.54 11.96
N ARG B 129 -9.90 16.29 12.07
CA ARG B 129 -8.91 17.37 12.11
C ARG B 129 -8.22 17.56 10.75
N LEU B 130 -8.14 18.81 10.31
CA LEU B 130 -7.56 19.19 9.03
C LEU B 130 -6.31 20.02 9.30
N VAL B 131 -5.11 19.49 8.99
CA VAL B 131 -3.83 20.22 9.20
C VAL B 131 -3.01 20.45 7.90
N HIS B 132 -2.59 21.69 7.65
CA HIS B 132 -1.83 21.99 6.40
C HIS B 132 -0.51 21.22 6.35
N THR B 133 -0.26 20.53 5.22
CA THR B 133 0.86 19.57 5.06
C THR B 133 2.29 20.15 5.03
N GLN B 134 2.41 21.47 5.10
CA GLN B 134 3.71 22.14 5.12
C GLN B 134 3.91 22.90 6.44
N GLU B 135 2.92 23.72 6.80
CA GLU B 135 2.93 24.51 8.03
C GLU B 135 1.99 23.94 9.09
N PRO B 136 2.51 23.13 10.03
CA PRO B 136 1.73 22.88 11.24
C PRO B 136 1.60 24.17 12.06
N GLY B 137 0.35 24.55 12.31
CA GLY B 137 -0.03 25.80 12.96
C GLY B 137 -1.32 26.25 12.28
N GLU B 138 -1.44 25.90 11.00
CA GLU B 138 -2.70 26.01 10.27
C GLU B 138 -3.50 24.74 10.56
N TRP B 139 -4.76 24.91 10.95
CA TRP B 139 -5.51 23.85 11.63
C TRP B 139 -7.01 24.12 11.51
N LEU B 140 -7.81 23.05 11.52
CA LEU B 140 -9.27 23.15 11.51
C LEU B 140 -9.85 21.91 12.22
N GLU B 141 -11.01 22.06 12.85
CA GLU B 141 -11.69 20.91 13.47
C GLU B 141 -13.14 20.87 13.10
N LEU B 142 -13.61 19.66 12.79
CA LEU B 142 -14.98 19.42 12.42
C LEU B 142 -15.59 18.40 13.36
N LEU B 143 -16.70 18.77 13.99
CA LEU B 143 -17.43 17.84 14.84
C LEU B 143 -18.38 17.03 13.97
N LEU B 144 -18.12 15.75 13.81
CA LEU B 144 -18.98 14.91 12.94
C LEU B 144 -19.90 14.00 13.79
N GLU B 145 -21.14 14.44 14.00
CA GLU B 145 -22.16 13.59 14.64
C GLU B 145 -22.75 12.59 13.64
N PRO B 146 -23.28 11.46 14.14
CA PRO B 146 -23.99 10.54 13.22
C PRO B 146 -25.15 11.21 12.48
N GLY B 147 -25.20 11.04 11.15
CA GLY B 147 -26.22 11.67 10.33
C GLY B 147 -25.73 12.94 9.64
N SER B 148 -24.44 13.19 9.72
CA SER B 148 -23.91 14.44 9.21
C SER B 148 -23.12 14.14 7.95
N LEU B 149 -23.13 15.11 7.08
CA LEU B 149 -22.37 15.06 5.88
C LEU B 149 -21.30 16.14 5.95
N TYR B 150 -20.07 15.71 5.80
CA TYR B 150 -18.95 16.61 5.57
C TYR B 150 -18.64 16.68 4.06
N ILE B 151 -18.03 17.81 3.67
CA ILE B 151 -17.64 18.08 2.30
C ILE B 151 -16.29 18.76 2.34
N LEU B 152 -15.21 18.02 2.05
CA LEU B 152 -13.92 18.59 1.72
C LEU B 152 -13.75 18.73 0.20
N ARG B 153 -13.42 19.93 -0.25
CA ARG B 153 -13.11 20.21 -1.65
C ARG B 153 -11.97 21.23 -1.75
N GLY B 154 -11.24 21.19 -2.87
CA GLY B 154 -10.13 22.14 -3.14
C GLY B 154 -8.99 22.14 -2.13
N SER B 155 -8.68 23.32 -1.59
CA SER B 155 -7.60 23.45 -0.61
C SER B 155 -7.84 22.55 0.62
N ALA B 156 -9.09 22.44 1.04
CA ALA B 156 -9.46 21.51 2.12
C ALA B 156 -9.10 20.08 1.76
N ARG B 157 -9.30 19.75 0.49
CA ARG B 157 -9.02 18.43 -0.03
C ARG B 157 -7.56 18.22 -0.46
N TYR B 158 -6.88 19.32 -0.85
CA TYR B 158 -5.53 19.26 -1.46
C TYR B 158 -4.36 19.73 -0.59
N ASP B 159 -4.52 20.85 0.11
CA ASP B 159 -3.41 21.42 0.89
C ASP B 159 -3.37 20.98 2.33
N PHE B 160 -4.45 20.36 2.80
CA PHE B 160 -4.59 20.05 4.21
C PHE B 160 -4.69 18.54 4.41
N SER B 161 -3.99 18.02 5.41
CA SER B 161 -4.21 16.65 5.84
C SER B 161 -5.58 16.58 6.48
N HIS B 162 -6.14 15.38 6.53
CA HIS B 162 -7.32 15.13 7.37
C HIS B 162 -7.11 13.84 8.17
N GLU B 163 -7.85 13.70 9.26
CA GLU B 163 -7.65 12.60 10.20
C GLU B 163 -8.94 12.43 11.05
N ILE B 164 -9.14 11.23 11.57
CA ILE B 164 -10.26 10.97 12.48
C ILE B 164 -9.60 10.52 13.79
N LEU B 165 -9.87 11.27 14.87
CA LEU B 165 -9.05 11.18 16.06
C LEU B 165 -9.39 9.87 16.81
N ARG B 166 -8.36 9.20 17.31
CA ARG B 166 -8.56 8.09 18.26
C ARG B 166 -9.25 8.57 19.54
N ASP B 167 -9.78 7.62 20.30
CA ASP B 167 -10.48 7.95 21.55
C ASP B 167 -9.63 8.69 22.59
N GLU B 168 -8.32 8.43 22.61
CA GLU B 168 -7.40 9.07 23.57
C GLU B 168 -7.27 10.58 23.33
N GLU B 169 -7.34 10.98 22.06
CA GLU B 169 -7.20 12.39 21.66
C GLU B 169 -8.44 12.99 20.98
N SER B 170 -9.55 12.23 20.95
CA SER B 170 -10.79 12.75 20.41
C SER B 170 -11.38 13.92 21.21
N PHE B 171 -11.00 15.11 20.79
CA PHE B 171 -11.49 16.33 21.35
C PHE B 171 -11.87 17.30 20.25
N PHE B 172 -13.07 17.83 20.36
CA PHE B 172 -13.49 18.96 19.54
C PHE B 172 -13.21 20.19 20.36
N GLY B 173 -11.98 20.69 20.22
CA GLY B 173 -11.50 21.81 20.98
C GLY B 173 -11.10 21.26 22.32
N GLU B 174 -11.73 21.77 23.37
CA GLU B 174 -11.52 21.29 24.74
C GLU B 174 -12.50 20.16 25.12
N ARG B 175 -13.60 20.03 24.39
CA ARG B 175 -14.67 19.08 24.75
C ARG B 175 -14.36 17.65 24.29
N ARG B 176 -14.48 16.69 25.22
CA ARG B 176 -14.27 15.29 24.88
C ARG B 176 -15.44 14.73 24.06
N ILE B 177 -15.11 14.05 22.97
CA ILE B 177 -16.10 13.31 22.18
C ILE B 177 -15.70 11.83 22.27
N PRO B 178 -16.33 11.09 23.21
CA PRO B 178 -16.01 9.68 23.40
C PRO B 178 -16.26 8.86 22.12
N ARG B 179 -15.18 8.32 21.55
CA ARG B 179 -15.23 7.55 20.31
C ARG B 179 -15.81 6.15 20.58
N GLY B 180 -16.70 5.72 19.69
CA GLY B 180 -17.17 4.32 19.65
C GLY B 180 -17.09 3.81 18.22
N ARG B 181 -17.75 2.69 17.95
CA ARG B 181 -17.70 2.07 16.61
C ARG B 181 -18.42 2.98 15.65
N ARG B 182 -17.77 3.33 14.56
CA ARG B 182 -18.37 4.29 13.67
C ARG B 182 -18.28 3.89 12.19
N ILE B 183 -19.34 4.16 11.44
CA ILE B 183 -19.44 3.76 10.04
C ILE B 183 -19.51 5.02 9.19
N SER B 184 -18.65 5.13 8.21
CA SER B 184 -18.69 6.26 7.31
C SER B 184 -18.96 5.78 5.89
N VAL B 185 -19.74 6.58 5.18
CA VAL B 185 -20.03 6.36 3.77
C VAL B 185 -19.47 7.53 2.99
N ILE B 186 -18.44 7.25 2.20
CA ILE B 186 -17.64 8.30 1.57
C ILE B 186 -17.86 8.29 0.05
N CYS B 187 -18.42 9.40 -0.46
CA CYS B 187 -18.52 9.67 -1.90
C CYS B 187 -17.40 10.56 -2.39
N ARG B 188 -16.79 10.15 -3.52
CA ARG B 188 -15.60 10.83 -4.05
C ARG B 188 -15.84 11.18 -5.50
N SER B 189 -15.00 12.07 -6.03
CA SER B 189 -15.16 12.59 -7.37
C SER B 189 -14.18 11.93 -8.34
N LEU B 190 -14.56 11.87 -9.61
CA LEU B 190 -13.68 11.31 -10.63
C LEU B 190 -12.66 12.41 -11.00
N PRO B 191 -11.38 12.04 -11.10
CA PRO B 191 -10.39 13.01 -11.56
C PRO B 191 -10.64 13.50 -12.98
N MET C 1 33.54 -6.06 14.13
CA MET C 1 32.95 -7.37 13.68
C MET C 1 31.42 -7.37 13.52
N TRP C 2 30.79 -6.21 13.74
CA TRP C 2 29.35 -6.08 13.64
C TRP C 2 28.97 -5.06 12.59
N VAL C 3 29.89 -4.15 12.27
CA VAL C 3 29.67 -3.15 11.21
C VAL C 3 30.70 -3.29 10.09
N ARG C 4 30.26 -3.05 8.86
CA ARG C 4 31.15 -3.00 7.69
C ARG C 4 30.65 -1.91 6.74
N GLY C 5 31.56 -1.29 6.01
CA GLY C 5 31.19 -0.18 5.11
C GLY C 5 32.14 -0.01 3.95
N SER C 6 31.88 1.01 3.14
CA SER C 6 32.68 1.32 1.95
C SER C 6 34.04 1.88 2.34
N GLY C 7 34.04 3.02 3.03
CA GLY C 7 35.27 3.66 3.53
C GLY C 7 35.02 4.45 4.81
N PRO C 8 36.10 5.02 5.40
CA PRO C 8 35.98 5.78 6.66
C PRO C 8 34.87 6.82 6.63
N SER C 9 34.73 7.54 5.52
CA SER C 9 33.74 8.62 5.40
C SER C 9 32.37 8.21 5.93
N VAL C 10 31.80 7.18 5.31
CA VAL C 10 30.50 6.66 5.70
C VAL C 10 30.55 6.08 7.11
N LEU C 11 31.62 5.36 7.43
CA LEU C 11 31.81 4.83 8.79
C LEU C 11 31.79 5.98 9.81
N SER C 12 32.58 7.01 9.54
CA SER C 12 32.78 8.13 10.44
C SER C 12 31.54 9.02 10.55
N ARG C 13 30.84 9.21 9.44
CA ARG C 13 29.65 10.05 9.38
C ARG C 13 28.49 9.47 10.21
N LEU C 14 28.28 8.16 10.08
CA LEU C 14 27.15 7.50 10.73
C LEU C 14 27.54 6.67 11.95
N GLN C 15 28.58 7.09 12.68
CA GLN C 15 29.02 6.36 13.87
C GLN C 15 28.10 6.60 15.08
N ASP C 16 27.34 7.70 15.04
CA ASP C 16 26.27 7.95 16.02
C ASP C 16 24.87 7.81 15.41
N ALA C 17 24.82 7.67 14.09
CA ALA C 17 23.57 7.58 13.35
C ALA C 17 23.14 6.14 13.09
N ALA C 18 24.11 5.25 12.90
CA ALA C 18 23.86 3.83 12.71
C ALA C 18 24.61 3.03 13.77
N VAL C 19 23.87 2.33 14.64
CA VAL C 19 24.47 1.67 15.80
C VAL C 19 24.02 0.23 16.00
N VAL C 20 24.96 -0.62 16.39
CA VAL C 20 24.64 -2.02 16.71
C VAL C 20 25.07 -2.39 18.13
N ARG C 21 24.13 -2.86 18.93
CA ARG C 21 24.43 -3.39 20.27
C ARG C 21 24.04 -4.85 20.40
N PRO C 22 25.00 -5.76 20.18
CA PRO C 22 24.74 -7.18 20.32
C PRO C 22 24.79 -7.63 21.76
N GLY C 23 23.86 -8.49 22.16
CA GLY C 23 23.75 -8.86 23.57
C GLY C 23 23.21 -7.69 24.38
N PHE C 24 22.27 -6.97 23.78
CA PHE C 24 21.46 -5.98 24.49
C PHE C 24 20.35 -6.72 25.25
N LEU C 25 19.90 -7.84 24.70
CA LEU C 25 18.94 -8.71 25.37
C LEU C 25 19.69 -9.90 25.96
N SER C 26 19.42 -10.23 27.22
CA SER C 26 19.95 -11.45 27.80
C SER C 26 19.22 -12.64 27.18
N THR C 27 19.77 -13.84 27.35
CA THR C 27 19.11 -15.06 26.81
C THR C 27 17.64 -15.12 27.25
N ALA C 28 17.39 -14.71 28.48
CA ALA C 28 16.06 -14.76 29.08
C ALA C 28 15.09 -13.70 28.53
N GLU C 29 15.58 -12.49 28.27
CA GLU C 29 14.76 -11.47 27.64
C GLU C 29 14.25 -11.87 26.23
N GLU C 30 15.11 -12.53 25.46
CA GLU C 30 14.74 -13.10 24.16
C GLU C 30 13.67 -14.16 24.35
N GLU C 31 13.94 -15.06 25.31
CA GLU C 31 13.03 -16.15 25.64
C GLU C 31 11.65 -15.58 25.96
N THR C 32 11.62 -14.49 26.74
CA THR C 32 10.39 -13.82 27.13
C THR C 32 9.63 -13.22 25.95
N LEU C 33 10.35 -12.48 25.12
CA LEU C 33 9.74 -11.81 23.99
C LEU C 33 9.10 -12.88 23.05
N SER C 34 9.93 -13.81 22.61
CA SER C 34 9.53 -14.99 21.82
C SER C 34 8.27 -15.68 22.33
N ARG C 35 8.37 -16.24 23.54
CA ARG C 35 7.27 -17.03 24.15
C ARG C 35 5.96 -16.24 24.13
N GLU C 36 6.06 -14.95 24.42
CA GLU C 36 4.91 -14.07 24.51
C GLU C 36 4.24 -13.70 23.19
N LEU C 37 5.05 -13.59 22.14
CA LEU C 37 4.60 -13.17 20.81
C LEU C 37 4.17 -14.34 19.92
N GLU C 38 4.43 -15.55 20.37
CA GLU C 38 4.23 -16.74 19.58
C GLU C 38 2.72 -16.90 19.31
N PRO C 39 1.87 -16.78 20.36
CA PRO C 39 0.41 -16.78 20.18
C PRO C 39 -0.13 -15.82 19.10
N GLU C 40 0.27 -14.56 19.15
CA GLU C 40 -0.28 -13.56 18.23
C GLU C 40 0.19 -13.84 16.80
N LEU C 41 1.42 -14.36 16.63
CA LEU C 41 2.00 -14.62 15.32
C LEU C 41 1.46 -15.90 14.65
N ARG C 42 1.35 -16.99 15.40
CA ARG C 42 0.78 -18.25 14.88
C ARG C 42 -0.68 -18.15 14.41
N ARG C 43 -1.40 -17.15 14.90
CA ARG C 43 -2.75 -16.88 14.40
C ARG C 43 -2.72 -16.31 12.97
N ARG C 44 -1.54 -15.87 12.52
CA ARG C 44 -1.43 -15.17 11.23
C ARG C 44 -0.62 -16.00 10.21
N ARG C 45 -1.04 -15.97 8.96
CA ARG C 45 -0.37 -16.72 7.90
C ARG C 45 0.59 -15.81 7.13
N TYR C 46 1.74 -16.35 6.76
CA TYR C 46 2.77 -15.56 6.09
C TYR C 46 2.21 -15.02 4.78
N GLU C 47 2.02 -13.70 4.72
CA GLU C 47 1.11 -13.09 3.75
C GLU C 47 1.46 -13.41 2.28
N TYR C 48 0.43 -13.52 1.45
CA TYR C 48 0.55 -13.78 0.01
C TYR C 48 1.25 -12.63 -0.68
N ASP C 49 2.31 -12.94 -1.42
CA ASP C 49 3.27 -11.93 -1.88
C ASP C 49 2.70 -10.88 -2.82
N HIS C 50 3.18 -9.64 -2.63
CA HIS C 50 2.84 -8.52 -3.49
C HIS C 50 4.13 -8.01 -4.11
N TRP C 51 4.28 -8.19 -5.42
CA TRP C 51 5.56 -7.97 -6.12
C TRP C 51 6.38 -6.72 -5.66
N ASP C 52 5.72 -5.60 -5.41
CA ASP C 52 6.38 -4.31 -5.12
C ASP C 52 6.44 -3.92 -3.64
N ALA C 53 6.10 -4.84 -2.74
CA ALA C 53 6.14 -4.53 -1.30
C ALA C 53 7.56 -4.67 -0.78
N ALA C 54 7.97 -3.78 0.11
CA ALA C 54 9.32 -3.83 0.64
C ALA C 54 9.52 -5.11 1.44
N ILE C 55 8.48 -5.61 2.10
CA ILE C 55 8.64 -6.83 2.91
C ILE C 55 7.96 -8.05 2.27
N HIS C 56 8.71 -9.15 2.13
CA HIS C 56 8.19 -10.41 1.60
C HIS C 56 8.36 -11.59 2.56
N GLY C 57 7.36 -12.47 2.59
CA GLY C 57 7.46 -13.71 3.38
C GLY C 57 7.38 -13.35 4.84
N PHE C 58 6.32 -12.65 5.20
CA PHE C 58 6.17 -12.04 6.52
C PHE C 58 4.76 -12.12 7.08
N ARG C 59 4.65 -11.79 8.36
CA ARG C 59 3.38 -11.58 9.03
C ARG C 59 3.60 -10.64 10.20
N GLU C 60 2.60 -9.83 10.49
CA GLU C 60 2.77 -8.63 11.30
C GLU C 60 1.68 -8.52 12.33
N THR C 61 2.05 -8.02 13.51
CA THR C 61 1.09 -7.48 14.49
C THR C 61 1.65 -6.17 15.06
N GLU C 62 0.77 -5.25 15.45
CA GLU C 62 1.20 -4.06 16.18
C GLU C 62 0.72 -4.15 17.63
N LYS C 63 1.67 -4.25 18.55
CA LYS C 63 1.35 -4.52 19.94
C LYS C 63 1.49 -3.29 20.84
N SER C 64 0.40 -2.95 21.53
CA SER C 64 0.41 -1.89 22.57
C SER C 64 0.30 -2.46 23.99
N ARG C 65 -0.48 -3.53 24.15
CA ARG C 65 -0.59 -4.25 25.42
C ARG C 65 0.46 -5.35 25.56
N TRP C 66 1.40 -5.16 26.49
CA TRP C 66 2.49 -6.09 26.71
C TRP C 66 2.52 -6.65 28.14
N SER C 67 3.23 -7.75 28.34
CA SER C 67 3.47 -8.27 29.70
C SER C 67 4.43 -7.33 30.45
N GLU C 68 4.49 -7.46 31.78
CA GLU C 68 5.40 -6.64 32.59
C GLU C 68 6.85 -6.84 32.17
N ALA C 69 7.23 -8.09 31.95
CA ALA C 69 8.58 -8.44 31.54
C ALA C 69 8.97 -7.77 30.22
N SER C 70 8.03 -7.72 29.30
CA SER C 70 8.28 -7.23 27.96
C SER C 70 8.35 -5.70 27.91
N ARG C 71 7.44 -5.04 28.61
CA ARG C 71 7.47 -3.59 28.85
C ARG C 71 8.83 -3.16 29.42
N ALA C 72 9.36 -3.94 30.37
CA ALA C 72 10.71 -3.71 30.92
C ALA C 72 11.77 -3.68 29.81
N ILE C 73 11.66 -4.62 28.88
CA ILE C 73 12.52 -4.65 27.70
C ILE C 73 12.32 -3.41 26.81
N LEU C 74 11.07 -3.04 26.55
CA LEU C 74 10.79 -1.91 25.64
C LEU C 74 11.26 -0.60 26.26
N ARG C 75 11.24 -0.55 27.60
CA ARG C 75 11.63 0.65 28.32
C ARG C 75 13.12 0.87 28.18
N ARG C 76 13.90 -0.22 28.21
CA ARG C 76 15.35 -0.18 28.07
C ARG C 76 15.78 0.32 26.69
N VAL C 77 15.00 -0.05 25.68
CA VAL C 77 15.18 0.38 24.29
C VAL C 77 14.83 1.87 24.17
N GLN C 78 13.79 2.29 24.90
CA GLN C 78 13.46 3.71 25.00
C GLN C 78 14.59 4.51 25.67
N ALA C 79 15.23 3.90 26.66
CA ALA C 79 16.36 4.51 27.36
C ALA C 79 17.64 4.45 26.55
N ALA C 80 17.79 3.42 25.72
CA ALA C 80 18.99 3.23 24.92
C ALA C 80 18.98 4.05 23.63
N ALA C 81 17.79 4.24 23.05
CA ALA C 81 17.67 4.70 21.65
C ALA C 81 17.05 6.07 21.43
N PHE C 82 16.07 6.45 22.26
CA PHE C 82 15.30 7.68 22.07
C PHE C 82 15.73 8.83 22.98
N GLY C 83 15.44 10.05 22.52
CA GLY C 83 16.04 11.28 23.06
C GLY C 83 15.25 11.96 24.19
N PRO C 84 14.59 13.11 23.91
CA PRO C 84 13.75 13.76 24.92
C PRO C 84 12.72 12.84 25.56
N GLN C 86 11.12 12.96 20.87
CA GLN C 86 11.04 11.61 20.31
C GLN C 86 9.96 10.78 20.98
N THR C 87 8.75 11.33 21.04
CA THR C 87 7.60 10.59 21.59
C THR C 87 7.32 9.38 20.71
N LEU C 88 7.27 8.20 21.32
CA LEU C 88 7.08 6.94 20.60
C LEU C 88 5.72 6.82 19.90
N LEU C 89 5.63 5.89 18.96
CA LEU C 89 4.35 5.49 18.37
C LEU C 89 3.50 4.85 19.47
N SER C 90 2.18 4.94 19.34
CA SER C 90 1.26 4.30 20.28
C SER C 90 1.51 2.78 20.32
N SER C 91 1.85 2.22 19.17
CA SER C 91 2.06 0.78 19.04
C SER C 91 3.52 0.44 18.75
N VAL C 92 3.88 -0.82 19.03
CA VAL C 92 5.18 -1.41 18.69
C VAL C 92 4.98 -2.40 17.54
N HIS C 93 5.91 -2.33 16.58
CA HIS C 93 5.84 -3.12 15.35
C HIS C 93 6.62 -4.43 15.44
N VAL C 94 5.87 -5.52 15.43
CA VAL C 94 6.43 -6.84 15.50
C VAL C 94 6.35 -7.50 14.08
N LEU C 95 7.51 -7.82 13.54
CA LEU C 95 7.62 -8.41 12.18
C LEU C 95 8.29 -9.78 12.23
N ASP C 96 7.58 -10.78 11.71
CA ASP C 96 7.99 -12.18 11.72
C ASP C 96 8.33 -12.57 10.28
N LEU C 97 9.61 -12.68 9.97
CA LEU C 97 10.02 -13.13 8.64
C LEU C 97 10.26 -14.63 8.70
N GLU C 98 9.55 -15.38 7.86
CA GLU C 98 9.92 -16.76 7.58
C GLU C 98 11.36 -16.72 7.10
N ALA C 99 12.04 -17.85 7.25
CA ALA C 99 13.38 -18.10 6.74
C ALA C 99 13.58 -17.81 5.25
N ARG C 100 12.50 -17.92 4.46
CA ARG C 100 12.55 -17.55 3.03
C ARG C 100 12.17 -16.11 2.84
N GLY C 101 11.66 -15.47 3.90
CA GLY C 101 11.29 -14.08 3.88
C GLY C 101 12.49 -13.16 3.85
N TYR C 102 12.24 -11.90 3.55
CA TYR C 102 13.30 -10.88 3.49
C TYR C 102 12.69 -9.51 3.30
N ILE C 103 13.54 -8.50 3.25
CA ILE C 103 13.06 -7.11 3.06
C ILE C 103 13.96 -6.39 2.06
N LYS C 104 13.31 -5.68 1.13
CA LYS C 104 14.00 -4.99 0.05
C LYS C 104 14.32 -3.57 0.52
N PRO C 105 15.29 -2.89 -0.13
CA PRO C 105 15.63 -1.51 0.25
C PRO C 105 14.42 -0.54 0.24
N HIS C 106 14.27 0.20 1.33
CA HIS C 106 13.23 1.21 1.52
C HIS C 106 13.69 2.21 2.57
N VAL C 107 13.08 3.37 2.56
CA VAL C 107 13.17 4.35 3.62
C VAL C 107 11.85 4.34 4.33
N ASP C 108 11.88 4.09 5.64
CA ASP C 108 10.64 4.13 6.42
C ASP C 108 9.86 5.40 6.23
N SER C 109 8.54 5.27 6.15
CA SER C 109 7.64 6.41 5.94
C SER C 109 7.97 7.68 6.76
N ILE C 110 8.18 8.79 6.05
CA ILE C 110 8.43 10.09 6.68
C ILE C 110 7.14 10.75 7.19
N LYS C 111 6.00 10.31 6.65
CA LYS C 111 4.67 10.76 7.12
C LYS C 111 4.30 10.25 8.52
N PHE C 112 4.79 9.08 8.88
CA PHE C 112 4.33 8.32 10.05
C PHE C 112 5.44 7.92 11.03
N CYS C 113 6.70 8.00 10.60
CA CYS C 113 7.84 7.67 11.43
C CYS C 113 8.77 8.87 11.52
N GLY C 114 9.05 9.30 12.75
CA GLY C 114 10.04 10.34 13.05
C GLY C 114 11.45 9.93 12.69
N ALA C 115 12.43 10.49 13.41
CA ALA C 115 13.85 10.38 13.04
C ALA C 115 14.63 9.30 13.79
N THR C 116 13.93 8.40 14.49
CA THR C 116 14.60 7.27 15.17
C THR C 116 13.88 5.95 14.94
N ILE C 117 14.65 4.95 14.53
CA ILE C 117 14.16 3.59 14.44
C ILE C 117 15.04 2.76 15.32
N ALA C 118 14.44 1.81 16.02
CA ALA C 118 15.13 1.01 17.01
C ALA C 118 14.57 -0.41 16.94
N GLY C 119 15.45 -1.38 16.76
CA GLY C 119 14.97 -2.74 16.50
C GLY C 119 15.74 -3.79 17.24
N LEU C 120 14.98 -4.75 17.79
CA LEU C 120 15.49 -5.91 18.43
C LEU C 120 15.35 -7.13 17.52
N SER C 121 16.43 -7.88 17.31
CA SER C 121 16.40 -9.04 16.41
C SER C 121 16.37 -10.38 17.17
N LEU C 122 15.28 -11.14 17.00
CA LEU C 122 15.06 -12.43 17.69
C LEU C 122 15.14 -13.68 16.78
N LEU C 123 15.60 -14.80 17.37
CA LEU C 123 15.52 -16.16 16.79
C LEU C 123 16.73 -16.54 15.98
N SER C 124 17.18 -15.63 15.14
CA SER C 124 18.23 -15.96 14.19
C SER C 124 18.85 -14.70 13.60
N PRO C 125 20.09 -14.81 13.14
CA PRO C 125 20.84 -13.69 12.63
C PRO C 125 20.45 -13.24 11.23
N SER C 126 20.93 -12.05 10.88
CA SER C 126 20.63 -11.41 9.63
C SER C 126 21.54 -10.20 9.41
N VAL C 127 21.62 -9.79 8.14
CA VAL C 127 22.38 -8.60 7.74
C VAL C 127 21.42 -7.48 7.27
N MET C 128 21.61 -6.30 7.83
CA MET C 128 20.93 -5.10 7.37
C MET C 128 21.87 -4.35 6.43
N ARG C 129 21.36 -3.90 5.28
CA ARG C 129 22.20 -3.13 4.35
C ARG C 129 21.66 -1.71 4.24
N LEU C 130 22.52 -0.73 4.44
CA LEU C 130 22.14 0.66 4.29
C LEU C 130 22.88 1.19 3.06
N VAL C 131 22.19 1.94 2.22
CA VAL C 131 22.73 2.39 0.93
C VAL C 131 22.26 3.82 0.67
N HIS C 132 23.20 4.74 0.49
CA HIS C 132 22.86 6.15 0.28
C HIS C 132 21.96 6.27 -0.95
N THR C 133 20.81 6.91 -0.78
CA THR C 133 19.74 6.92 -1.80
C THR C 133 20.15 7.55 -3.15
N GLN C 134 20.97 8.60 -3.09
CA GLN C 134 21.50 9.25 -4.30
C GLN C 134 22.79 8.62 -4.88
N GLU C 135 23.51 7.85 -4.07
CA GLU C 135 24.81 7.29 -4.47
C GLU C 135 25.01 5.86 -3.97
N PRO C 136 24.93 4.85 -4.88
CA PRO C 136 25.05 3.43 -4.49
C PRO C 136 26.46 2.93 -4.09
N GLY C 137 27.49 3.70 -4.38
CA GLY C 137 28.86 3.35 -3.99
C GLY C 137 29.11 3.43 -2.48
N GLU C 138 28.31 4.24 -1.80
CA GLU C 138 28.45 4.50 -0.36
C GLU C 138 27.45 3.65 0.44
N TRP C 139 27.96 2.74 1.27
CA TRP C 139 27.07 1.81 2.01
C TRP C 139 27.57 1.42 3.40
N LEU C 140 26.71 0.70 4.11
CA LEU C 140 27.05 0.02 5.37
C LEU C 140 26.32 -1.31 5.49
N GLU C 141 26.94 -2.26 6.20
CA GLU C 141 26.32 -3.54 6.53
C GLU C 141 26.38 -3.82 8.04
N LEU C 142 25.23 -4.06 8.65
CA LEU C 142 25.15 -4.38 10.08
C LEU C 142 24.77 -5.85 10.31
N LEU C 143 25.67 -6.63 10.89
CA LEU C 143 25.33 -8.01 11.34
C LEU C 143 24.36 -8.01 12.53
N LEU C 144 23.09 -8.33 12.27
CA LEU C 144 22.05 -8.42 13.30
C LEU C 144 21.85 -9.85 13.81
N GLU C 145 22.59 -10.19 14.86
CA GLU C 145 22.44 -11.48 15.56
C GLU C 145 21.20 -11.46 16.49
N PRO C 146 20.79 -12.65 16.98
CA PRO C 146 19.67 -12.62 17.91
C PRO C 146 20.09 -11.97 19.22
N GLY C 147 19.18 -11.21 19.82
CA GLY C 147 19.46 -10.46 21.04
C GLY C 147 20.04 -9.07 20.81
N SER C 148 20.25 -8.68 19.55
CA SER C 148 20.90 -7.41 19.24
C SER C 148 19.90 -6.29 19.15
N LEU C 149 20.41 -5.07 19.28
CA LEU C 149 19.61 -3.88 19.15
C LEU C 149 20.28 -2.95 18.16
N TYR C 150 19.50 -2.44 17.23
CA TYR C 150 20.04 -1.47 16.27
C TYR C 150 19.20 -0.23 16.33
N ILE C 151 19.86 0.88 16.03
CA ILE C 151 19.29 2.17 16.06
C ILE C 151 19.65 2.87 14.73
N LEU C 152 18.64 3.37 14.04
CA LEU C 152 18.86 4.12 12.78
C LEU C 152 18.25 5.48 12.91
N ARG C 153 19.06 6.50 12.75
CA ARG C 153 18.65 7.88 13.01
C ARG C 153 19.48 8.88 12.21
N GLY C 154 19.01 10.13 12.18
CA GLY C 154 19.71 11.18 11.44
C GLY C 154 19.75 10.84 9.95
N SER C 155 20.95 10.84 9.38
CA SER C 155 21.15 10.51 7.94
C SER C 155 20.88 9.04 7.64
N ALA C 156 21.22 8.19 8.59
CA ALA C 156 21.06 6.74 8.44
C ALA C 156 19.60 6.33 8.38
N ARG C 157 18.70 7.23 8.75
CA ARG C 157 17.26 7.04 8.67
C ARG C 157 16.63 7.78 7.48
N TYR C 158 17.16 8.96 7.13
CA TYR C 158 16.57 9.78 6.06
C TYR C 158 17.25 9.66 4.68
N ASP C 159 18.58 9.65 4.65
CA ASP C 159 19.35 9.62 3.39
C ASP C 159 19.90 8.24 3.03
N PHE C 160 19.53 7.23 3.83
CA PHE C 160 19.92 5.86 3.56
C PHE C 160 18.69 4.96 3.52
N SER C 161 18.61 4.10 2.50
CA SER C 161 17.57 3.05 2.46
C SER C 161 18.09 1.90 3.25
N HIS C 162 17.21 1.04 3.75
CA HIS C 162 17.68 -0.19 4.39
C HIS C 162 16.81 -1.38 4.04
N GLU C 163 17.35 -2.56 4.30
CA GLU C 163 16.79 -3.83 3.85
C GLU C 163 17.29 -4.96 4.75
N ILE C 164 16.56 -6.07 4.78
CA ILE C 164 17.10 -7.33 5.33
C ILE C 164 17.34 -8.30 4.18
N LEU C 165 18.56 -8.83 4.10
CA LEU C 165 19.00 -9.68 3.01
C LEU C 165 18.46 -11.10 3.13
N ARG C 166 17.78 -11.54 2.08
CA ARG C 166 17.30 -12.93 1.97
C ARG C 166 18.43 -13.93 2.04
N ASP C 167 18.05 -15.19 2.24
CA ASP C 167 18.99 -16.25 2.52
C ASP C 167 20.05 -16.39 1.44
N GLU C 168 19.63 -16.27 0.18
CA GLU C 168 20.52 -16.46 -0.96
C GLU C 168 21.69 -15.47 -1.01
N GLU C 169 21.44 -14.25 -0.55
CA GLU C 169 22.45 -13.19 -0.50
C GLU C 169 22.86 -12.75 0.94
N SER C 170 22.49 -13.56 1.94
CA SER C 170 22.79 -13.25 3.35
C SER C 170 24.27 -13.41 3.68
N PHE C 171 25.01 -12.35 3.39
CA PHE C 171 26.45 -12.28 3.57
C PHE C 171 26.78 -10.98 4.28
N PHE C 172 27.69 -11.05 5.26
CA PHE C 172 28.19 -9.87 5.97
C PHE C 172 29.66 -9.84 5.58
N GLY C 173 30.00 -8.97 4.63
CA GLY C 173 31.26 -9.10 3.93
C GLY C 173 31.30 -10.47 3.24
N GLU C 174 32.38 -11.20 3.44
CA GLU C 174 32.51 -12.54 2.88
C GLU C 174 31.80 -13.62 3.71
N ARG C 175 31.56 -13.35 4.99
CA ARG C 175 30.99 -14.37 5.89
C ARG C 175 29.51 -14.65 5.61
N ARG C 176 29.19 -15.90 5.34
CA ARG C 176 27.80 -16.29 5.09
C ARG C 176 27.01 -16.38 6.40
N ILE C 177 25.84 -15.74 6.40
CA ILE C 177 24.95 -15.69 7.54
C ILE C 177 23.66 -16.41 7.15
N PRO C 178 23.63 -17.75 7.34
CA PRO C 178 22.38 -18.47 7.09
C PRO C 178 21.20 -17.81 7.74
N ARG C 179 20.14 -17.66 6.96
CA ARG C 179 18.95 -17.03 7.42
C ARG C 179 18.07 -18.07 8.07
N GLY C 180 17.13 -17.60 8.87
CA GLY C 180 16.09 -18.44 9.43
C GLY C 180 14.85 -17.62 9.63
N ARG C 181 13.83 -18.25 10.22
CA ARG C 181 12.72 -17.56 10.82
C ARG C 181 13.28 -16.44 11.73
N ARG C 182 12.79 -15.21 11.53
CA ARG C 182 13.27 -14.03 12.25
C ARG C 182 12.14 -13.15 12.74
N ILE C 183 12.16 -12.84 14.03
CA ILE C 183 11.20 -11.92 14.57
C ILE C 183 11.92 -10.63 14.94
N SER C 184 11.34 -9.51 14.58
CA SER C 184 11.93 -8.24 14.94
C SER C 184 10.85 -7.45 15.60
N VAL C 185 11.26 -6.65 16.59
CA VAL C 185 10.37 -5.84 17.37
C VAL C 185 10.83 -4.43 17.12
N ILE C 186 9.98 -3.58 16.56
CA ILE C 186 10.47 -2.31 16.02
C ILE C 186 9.71 -1.16 16.65
N CYS C 187 10.44 -0.34 17.41
CA CYS C 187 9.93 0.91 17.98
C CYS C 187 10.38 2.11 17.13
N ARG C 188 9.43 2.96 16.80
CA ARG C 188 9.67 4.14 15.99
C ARG C 188 9.25 5.36 16.78
N SER C 189 9.64 6.55 16.32
CA SER C 189 9.15 7.82 16.87
C SER C 189 8.07 8.40 15.97
N LEU C 190 7.19 9.23 16.53
CA LEU C 190 6.18 9.94 15.74
C LEU C 190 6.83 11.17 15.08
N PRO C 191 6.40 11.55 13.86
CA PRO C 191 6.90 12.73 13.16
C PRO C 191 7.23 13.94 14.04
#